data_1H8D
#
_entry.id   1H8D
#
_cell.length_a   70.640
_cell.length_b   71.600
_cell.length_c   71.900
_cell.angle_alpha   90.00
_cell.angle_beta   100.35
_cell.angle_gamma   90.00
#
_symmetry.space_group_name_H-M   'C 1 2 1'
#
loop_
_entity.id
_entity.type
_entity.pdbx_description
1 polymer THROMBIN
2 polymer 'HIRUDIN I'
3 polymer THROMBIN
4 non-polymer N-[(benzyloxy)carbonyl]-beta-phenyl-D-phenylalanyl-N-{(1S,3E)-1-[dihydroxy(diphenoxy)-lambda~5~-phosphanyl]-4-methoxybut-3-en-1-yl}-L-prolinamide
5 water water
#
loop_
_entity_poly.entity_id
_entity_poly.type
_entity_poly.pdbx_seq_one_letter_code
_entity_poly.pdbx_strand_id
1 'polypeptide(L)'
;IVEGSDAEIGMSPWQVMLFRKSPQELLCGASLISDRWVLTAAHCLLYPPWDKNFTENDLLVRIGKHSRTRYERNIEKISM
LEKIYIHPRYNWRENLDRDIALMKLKKPVAFSDYIHPVCLPDRETAASLLQAGYKGRVTGWGNLKETGQPSVLQVVNLPI
VERPVCKDSTRIRITDNMFCAGYKPDEGKRGDACEGDSGGPFVMKSPFNNRWYQMGIVSWGEGCDRDGKYGFYTHVFRLK
KWIQKVIDQFGCSSVLIVVC
;
H
2 'polypeptide(L)' DFEEIPEE(TYS)L I
3 'polypeptide(L)' EADCGLRPLFEKKSLEDKTERELLESYIS L
#
# COMPACT_ATOMS: atom_id res chain seq x y z
N ILE A 1 8.49 -6.70 -3.87
CA ILE A 1 8.22 -7.66 -2.76
C ILE A 1 9.23 -8.80 -2.80
N VAL A 2 9.94 -9.02 -1.71
CA VAL A 2 10.89 -10.12 -1.60
C VAL A 2 10.25 -11.32 -0.95
N GLU A 3 10.40 -12.51 -1.51
CA GLU A 3 9.90 -13.75 -0.93
C GLU A 3 8.39 -13.83 -0.82
N GLY A 4 7.72 -13.20 -1.78
CA GLY A 4 6.27 -13.27 -1.87
C GLY A 4 5.86 -14.23 -2.98
N SER A 5 4.65 -14.08 -3.47
CA SER A 5 4.12 -14.91 -4.55
C SER A 5 3.26 -14.05 -5.46
N ASP A 6 2.99 -14.54 -6.67
CA ASP A 6 2.13 -13.85 -7.61
C ASP A 6 0.72 -13.70 -7.00
N ALA A 7 0.16 -12.50 -7.17
CA ALA A 7 -1.21 -12.29 -6.70
C ALA A 7 -2.14 -13.11 -7.57
N GLU A 8 -3.32 -13.44 -7.04
CA GLU A 8 -4.42 -13.97 -7.84
C GLU A 8 -5.12 -12.81 -8.53
N ILE A 9 -5.84 -13.08 -9.62
CA ILE A 9 -6.62 -12.06 -10.30
C ILE A 9 -7.69 -11.51 -9.37
N GLY A 10 -7.75 -10.19 -9.23
CA GLY A 10 -8.74 -9.51 -8.42
C GLY A 10 -8.47 -9.64 -6.93
N MET A 11 -7.27 -10.06 -6.54
CA MET A 11 -6.97 -10.27 -5.13
C MET A 11 -6.80 -8.99 -4.32
N SER A 12 -6.39 -7.92 -4.99
CA SER A 12 -6.12 -6.63 -4.35
C SER A 12 -6.66 -5.54 -5.25
N PRO A 13 -7.97 -5.44 -5.39
CA PRO A 13 -8.58 -4.55 -6.39
C PRO A 13 -8.46 -3.08 -6.05
N TRP A 14 -7.96 -2.78 -4.85
CA TRP A 14 -7.63 -1.43 -4.43
C TRP A 14 -6.20 -1.06 -4.77
N GLN A 15 -5.42 -1.99 -5.33
CA GLN A 15 -4.01 -1.67 -5.63
C GLN A 15 -3.93 -0.59 -6.69
N VAL A 16 -3.08 0.40 -6.48
CA VAL A 16 -2.84 1.44 -7.49
C VAL A 16 -1.36 1.51 -7.80
N MET A 17 -1.05 1.66 -9.08
CA MET A 17 0.33 1.92 -9.48
C MET A 17 0.48 3.42 -9.74
N LEU A 18 1.44 4.06 -9.10
CA LEU A 18 1.78 5.45 -9.44
C LEU A 18 2.83 5.37 -10.55
N PHE A 19 2.50 5.92 -11.71
CA PHE A 19 3.30 5.78 -12.92
C PHE A 19 3.86 7.10 -13.41
N ARG A 20 5.20 7.15 -13.52
CA ARG A 20 5.88 8.36 -14.00
C ARG A 20 5.70 8.48 -15.51
N LYS A 21 5.27 9.65 -15.96
CA LYS A 21 5.03 9.89 -17.39
C LYS A 21 6.29 9.86 -18.24
N SER A 22 7.40 10.39 -17.73
CA SER A 22 8.64 10.37 -18.50
C SER A 22 9.83 10.70 -17.62
N PRO A 23 10.77 9.77 -17.51
CA PRO A 23 10.66 8.50 -18.18
C PRO A 23 9.50 7.66 -17.66
N GLN A 24 9.01 6.77 -18.52
CA GLN A 24 7.92 5.87 -18.13
C GLN A 24 8.48 4.82 -17.20
N GLU A 25 8.01 4.88 -15.94
CA GLU A 25 8.53 3.93 -14.95
C GLU A 25 7.60 3.84 -13.74
N LEU A 26 7.82 2.76 -13.00
CA LEU A 26 7.07 2.58 -11.75
C LEU A 26 7.61 3.58 -10.72
N LEU A 27 6.72 4.40 -10.18
CA LEU A 27 7.10 5.36 -9.13
C LEU A 27 6.94 4.80 -7.74
N CYS A 28 5.80 4.18 -7.46
CA CYS A 28 5.46 3.72 -6.11
C CYS A 28 4.10 3.02 -6.24
N GLY A 29 3.74 2.42 -5.12
CA GLY A 29 2.40 1.87 -4.96
C GLY A 29 1.49 2.95 -4.34
N ALA A 30 0.22 2.54 -4.22
CA ALA A 30 -0.82 3.40 -3.68
C ALA A 30 -2.11 2.54 -3.56
N SER A 31 -3.15 3.15 -3.01
CA SER A 31 -4.38 2.38 -2.86
C SER A 31 -5.61 3.23 -3.12
N LEU A 32 -6.66 2.55 -3.58
CA LEU A 32 -7.93 3.23 -3.85
C LEU A 32 -8.85 3.23 -2.65
N ILE A 33 -9.25 4.39 -2.15
CA ILE A 33 -10.09 4.50 -0.97
C ILE A 33 -11.49 5.02 -1.30
N SER A 34 -11.72 5.46 -2.53
CA SER A 34 -13.06 5.85 -2.97
C SER A 34 -12.96 5.97 -4.49
N ASP A 35 -14.05 6.43 -5.15
CA ASP A 35 -13.96 6.55 -6.60
C ASP A 35 -13.14 7.75 -7.05
N ARG A 36 -12.75 8.62 -6.10
CA ARG A 36 -11.95 9.78 -6.49
C ARG A 36 -10.71 10.04 -5.66
N TRP A 37 -10.44 9.20 -4.66
CA TRP A 37 -9.30 9.43 -3.76
C TRP A 37 -8.39 8.21 -3.71
N VAL A 38 -7.10 8.50 -3.77
CA VAL A 38 -6.02 7.54 -3.71
C VAL A 38 -5.06 7.93 -2.59
N LEU A 39 -4.65 6.93 -1.82
CA LEU A 39 -3.75 7.07 -0.68
C LEU A 39 -2.39 6.51 -1.01
N THR A 40 -1.33 7.24 -0.58
CA THR A 40 0.04 6.79 -0.81
C THR A 40 0.96 7.38 0.29
N ALA A 41 2.23 7.08 0.19
CA ALA A 41 3.23 7.62 1.13
C ALA A 41 3.67 9.01 0.64
N ALA A 42 3.82 9.95 1.57
CA ALA A 42 4.33 11.27 1.17
C ALA A 42 5.71 11.23 0.50
N HIS A 43 6.60 10.33 0.95
CA HIS A 43 7.95 10.35 0.38
C HIS A 43 7.97 9.90 -1.08
N CYS A 44 6.92 9.22 -1.53
CA CYS A 44 6.86 8.84 -2.95
C CYS A 44 6.74 10.08 -3.81
N LEU A 45 6.19 11.15 -3.27
CA LEU A 45 5.90 12.36 -4.01
C LEU A 45 6.85 13.49 -3.67
N LEU A 46 7.27 13.60 -2.42
CA LEU A 46 8.12 14.69 -1.94
C LEU A 46 9.25 14.16 -1.06
N TYR A 47 10.48 14.29 -1.49
CA TYR A 47 11.64 13.88 -0.72
C TYR A 47 12.81 14.78 -1.15
N PRO A 48 12.90 15.95 -0.50
CA PRO A 48 13.91 16.94 -0.85
C PRO A 48 15.33 16.46 -0.80
N PRO A 49 15.76 15.60 0.09
CA PRO A 49 17.15 15.16 0.15
C PRO A 49 17.63 14.60 -1.18
N TRP A 50 16.71 14.02 -1.95
CA TRP A 50 17.05 13.45 -3.25
C TRP A 50 16.42 14.22 -4.39
N ASP A 51 16.00 15.45 -4.16
CA ASP A 51 15.39 16.32 -5.16
C ASP A 51 14.21 15.63 -5.85
N LYS A 52 13.41 14.99 -5.00
CA LYS A 52 12.15 14.41 -5.46
C LYS A 52 11.01 15.35 -5.10
N ASN A 53 10.26 15.82 -6.09
CA ASN A 53 9.17 16.76 -5.92
C ASN A 53 8.24 16.70 -7.13
N PHE A 54 7.30 15.77 -7.05
CA PHE A 54 6.36 15.63 -8.16
C PHE A 54 5.20 16.58 -8.03
N THR A 55 4.71 16.96 -9.21
CA THR A 55 3.52 17.78 -9.33
C THR A 55 2.47 16.86 -9.98
N GLU A 56 1.23 17.29 -9.93
CA GLU A 56 0.15 16.50 -10.51
C GLU A 56 0.40 16.06 -11.93
N ASN A 57 0.92 16.94 -12.79
CA ASN A 57 1.09 16.60 -14.20
C ASN A 57 2.25 15.68 -14.52
N ASP A 58 3.06 15.30 -13.54
CA ASP A 58 4.20 14.44 -13.75
C ASP A 58 3.89 12.94 -13.72
N LEU A 59 2.70 12.58 -13.22
CA LEU A 59 2.39 11.17 -13.07
C LEU A 59 0.94 10.84 -13.43
N LEU A 60 0.71 9.54 -13.49
CA LEU A 60 -0.60 8.97 -13.76
C LEU A 60 -0.87 7.90 -12.70
N VAL A 61 -2.13 7.63 -12.44
CA VAL A 61 -2.53 6.56 -11.53
C VAL A 61 -3.09 5.44 -12.39
N ARG A 62 -2.62 4.23 -12.25
CA ARG A 62 -3.09 3.08 -13.03
C ARG A 62 -3.74 2.12 -12.04
N ILE A 63 -5.03 1.87 -12.28
CA ILE A 63 -5.86 1.11 -11.34
C ILE A 63 -6.40 -0.15 -11.99
N GLY A 64 -6.53 -1.25 -11.26
CA GLY A 64 -7.07 -2.49 -11.80
C GLY A 64 -5.99 -3.35 -12.43
N LYS A 65 -4.71 -3.06 -12.17
CA LYS A 65 -3.63 -3.76 -12.81
C LYS A 65 -3.24 -5.08 -12.17
N HIS A 66 -2.59 -5.92 -12.96
CA HIS A 66 -2.01 -7.18 -12.54
C HIS A 66 -0.59 -7.30 -13.08
N SER A 67 -0.44 -7.29 -14.40
CA SER A 67 0.89 -7.22 -15.00
C SER A 67 1.59 -5.91 -14.66
N ARG A 68 2.90 -5.97 -14.41
CA ARG A 68 3.62 -4.74 -14.11
C ARG A 68 3.77 -3.81 -15.31
N THR A 69 4.30 -4.36 -16.41
CA THR A 69 4.66 -3.53 -17.56
C THR A 69 3.64 -3.45 -18.68
N ARG A 70 2.73 -4.40 -18.82
CA ARG A 70 1.79 -4.41 -19.93
C ARG A 70 0.69 -3.37 -19.81
N TYR A 71 0.16 -2.87 -20.91
CA TYR A 71 -1.01 -2.03 -20.95
C TYR A 71 -2.22 -2.98 -20.98
N GLU A 72 -2.92 -3.13 -19.87
CA GLU A 72 -3.98 -4.13 -19.72
C GLU A 72 -5.32 -3.61 -20.18
N ARG A 73 -5.43 -3.61 -21.53
CA ARG A 73 -6.59 -3.13 -22.24
C ARG A 73 -7.90 -3.75 -21.79
N ASN A 74 -8.89 -2.92 -21.54
CA ASN A 74 -10.20 -3.40 -21.11
C ASN A 74 -10.26 -3.84 -19.64
N ILE A 75 -9.18 -3.66 -18.91
CA ILE A 75 -9.11 -4.07 -17.50
C ILE A 75 -8.61 -2.92 -16.64
N GLU A 76 -7.39 -2.45 -16.90
CA GLU A 76 -6.91 -1.31 -16.13
C GLU A 76 -7.57 -0.02 -16.55
N LYS A 77 -7.59 0.96 -15.67
CA LYS A 77 -8.09 2.29 -15.91
C LYS A 77 -7.00 3.28 -15.49
N ILE A 78 -6.69 4.21 -16.37
CA ILE A 78 -5.65 5.21 -16.16
C ILE A 78 -6.26 6.56 -15.86
N SER A 79 -5.88 7.16 -14.74
CA SER A 79 -6.47 8.38 -14.23
C SER A 79 -5.45 9.50 -14.04
N MET A 80 -5.91 10.72 -14.30
CA MET A 80 -5.11 11.91 -14.13
C MET A 80 -5.39 12.51 -12.77
N LEU A 81 -4.37 13.18 -12.23
CA LEU A 81 -4.46 13.78 -10.91
C LEU A 81 -4.97 15.22 -10.93
N GLU A 82 -5.94 15.51 -10.11
CA GLU A 82 -6.44 16.87 -9.96
C GLU A 82 -5.60 17.63 -8.94
N LYS A 83 -5.30 16.98 -7.80
CA LYS A 83 -4.52 17.65 -6.76
C LYS A 83 -3.85 16.64 -5.81
N ILE A 84 -2.66 16.98 -5.37
CA ILE A 84 -1.92 16.22 -4.37
C ILE A 84 -1.99 16.94 -3.05
N TYR A 85 -2.18 16.23 -1.94
CA TYR A 85 -2.22 16.74 -0.59
C TYR A 85 -1.25 15.94 0.28
N ILE A 86 -0.19 16.57 0.74
CA ILE A 86 0.81 15.91 1.58
C ILE A 86 0.54 16.29 3.03
N HIS A 87 0.70 15.37 3.98
CA HIS A 87 0.49 15.75 5.38
C HIS A 87 1.38 16.94 5.74
N PRO A 88 0.81 17.97 6.36
CA PRO A 88 1.56 19.18 6.66
C PRO A 88 2.69 18.96 7.65
N ARG A 89 2.63 17.90 8.44
CA ARG A 89 3.68 17.63 9.42
C ARG A 89 4.52 16.40 9.05
N TYR A 90 4.48 16.03 7.77
CA TYR A 90 5.34 14.97 7.22
C TYR A 90 6.78 15.36 7.49
N ASN A 91 7.52 14.49 8.15
CA ASN A 91 8.91 14.75 8.53
C ASN A 91 9.87 14.05 7.59
N TRP A 92 10.19 14.72 6.46
CA TRP A 92 11.18 14.21 5.52
C TRP A 92 12.61 14.48 5.98
N ARG A 93 12.76 15.37 6.98
CA ARG A 93 14.10 15.76 7.39
C ARG A 93 14.80 14.68 8.19
N GLU A 94 14.01 13.93 8.98
CA GLU A 94 14.54 12.96 9.92
C GLU A 94 14.17 11.51 9.71
N ASN A 95 12.90 11.14 9.97
CA ASN A 95 12.57 9.73 10.06
C ASN A 95 11.33 9.37 9.27
N LEU A 96 10.82 10.23 8.39
CA LEU A 96 9.62 9.96 7.62
C LEU A 96 8.40 9.81 8.49
N ASP A 97 8.36 10.46 9.66
CA ASP A 97 7.15 10.54 10.47
C ASP A 97 5.99 11.11 9.65
N ARG A 98 4.82 10.52 9.82
CA ARG A 98 3.60 10.95 9.13
C ARG A 98 3.76 10.86 7.62
N ASP A 99 4.26 9.72 7.15
CA ASP A 99 4.53 9.48 5.74
C ASP A 99 3.26 9.09 4.98
N ILE A 100 2.45 10.13 4.69
CA ILE A 100 1.14 9.91 4.10
C ILE A 100 0.77 11.07 3.19
N ALA A 101 0.09 10.73 2.10
CA ALA A 101 -0.38 11.73 1.14
C ALA A 101 -1.64 11.21 0.47
N LEU A 102 -2.49 12.15 0.07
CA LEU A 102 -3.70 11.85 -0.68
C LEU A 102 -3.60 12.49 -2.07
N MET A 103 -4.26 11.85 -3.04
CA MET A 103 -4.37 12.45 -4.36
C MET A 103 -5.79 12.28 -4.87
N LYS A 104 -6.32 13.41 -5.32
CA LYS A 104 -7.68 13.46 -5.86
C LYS A 104 -7.62 13.31 -7.38
N LEU A 105 -8.42 12.40 -7.89
CA LEU A 105 -8.49 12.15 -9.33
C LEU A 105 -9.32 13.21 -10.05
N LYS A 106 -8.97 13.46 -11.32
CA LYS A 106 -9.75 14.43 -12.10
C LYS A 106 -11.19 13.96 -12.28
N LYS A 107 -11.36 12.66 -12.49
CA LYS A 107 -12.70 12.09 -12.70
C LYS A 107 -12.85 10.81 -11.89
N PRO A 108 -14.06 10.46 -11.50
CA PRO A 108 -14.31 9.26 -10.73
C PRO A 108 -13.98 8.03 -11.55
N VAL A 109 -13.34 7.03 -10.96
CA VAL A 109 -13.02 5.80 -11.68
C VAL A 109 -14.18 4.81 -11.52
N ALA A 110 -14.47 4.08 -12.59
CA ALA A 110 -15.58 3.13 -12.49
C ALA A 110 -15.12 1.85 -11.78
N PHE A 111 -15.94 1.40 -10.82
CA PHE A 111 -15.59 0.15 -10.14
C PHE A 111 -15.90 -1.05 -11.04
N SER A 112 -15.16 -2.13 -10.89
CA SER A 112 -15.32 -3.33 -11.70
C SER A 112 -14.87 -4.55 -10.93
N ASP A 113 -14.74 -5.72 -11.53
CA ASP A 113 -14.24 -6.89 -10.84
C ASP A 113 -12.79 -6.66 -10.40
N TYR A 114 -12.09 -5.74 -11.07
CA TYR A 114 -10.66 -5.52 -10.84
C TYR A 114 -10.38 -4.23 -10.07
N ILE A 115 -11.38 -3.39 -9.84
CA ILE A 115 -11.17 -2.06 -9.27
C ILE A 115 -12.22 -1.84 -8.19
N HIS A 116 -11.78 -1.76 -6.94
CA HIS A 116 -12.71 -1.63 -5.82
C HIS A 116 -11.99 -1.02 -4.64
N PRO A 117 -12.62 -0.18 -3.85
CA PRO A 117 -11.91 0.46 -2.75
C PRO A 117 -11.72 -0.38 -1.50
N VAL A 118 -10.66 -0.12 -0.76
CA VAL A 118 -10.39 -0.75 0.53
C VAL A 118 -11.03 0.09 1.64
N CYS A 119 -11.32 -0.49 2.79
CA CYS A 119 -11.85 0.28 3.90
C CYS A 119 -10.72 0.93 4.68
N LEU A 120 -11.02 2.02 5.38
CA LEU A 120 -10.07 2.58 6.34
C LEU A 120 -10.54 2.20 7.73
N PRO A 121 -9.65 1.88 8.66
CA PRO A 121 -10.02 1.50 9.99
C PRO A 121 -10.59 2.61 10.87
N ASP A 122 -11.45 2.19 11.78
CA ASP A 122 -11.85 3.12 12.85
C ASP A 122 -11.09 2.69 14.10
N ARG A 123 -11.25 3.39 15.22
CA ARG A 123 -10.46 3.17 16.41
C ARG A 123 -10.47 1.72 16.91
N GLU A 124 -11.67 1.13 16.96
CA GLU A 124 -11.73 -0.24 17.48
C GLU A 124 -11.20 -1.26 16.45
N THR A 125 -11.32 -0.92 15.17
CA THR A 125 -10.68 -1.76 14.14
C THR A 125 -9.19 -1.89 14.47
N ALA A 126 -8.57 -0.72 14.66
CA ALA A 126 -7.13 -0.67 14.94
C ALA A 126 -6.76 -1.36 16.24
N ALA A 127 -7.59 -1.11 17.27
CA ALA A 127 -7.27 -1.67 18.58
C ALA A 127 -7.34 -3.19 18.54
N SER A 128 -8.31 -3.71 17.79
CA SER A 128 -8.46 -5.17 17.73
C SER A 128 -7.44 -5.88 16.87
N LEU A 129 -7.02 -5.26 15.76
CA LEU A 129 -6.16 -5.97 14.83
C LEU A 129 -4.68 -5.64 14.88
N LEU A 130 -4.34 -4.44 15.36
CA LEU A 130 -2.94 -4.02 15.39
C LEU A 130 -2.24 -4.56 16.63
N GLN A 131 -2.02 -5.86 16.64
CA GLN A 131 -1.43 -6.57 17.76
C GLN A 131 -0.26 -7.42 17.29
N ALA A 132 0.78 -7.50 18.11
CA ALA A 132 1.93 -8.33 17.76
C ALA A 132 1.51 -9.75 17.43
N GLY A 133 2.04 -10.27 16.35
CA GLY A 133 1.74 -11.61 15.88
C GLY A 133 0.60 -11.68 14.88
N TYR A 134 -0.32 -10.71 14.92
CA TYR A 134 -1.39 -10.69 13.91
C TYR A 134 -0.76 -10.38 12.56
N LYS A 135 -1.15 -11.08 11.50
CA LYS A 135 -0.57 -10.86 10.18
C LYS A 135 -1.41 -9.93 9.32
N GLY A 136 -0.69 -9.15 8.53
CA GLY A 136 -1.29 -8.32 7.48
C GLY A 136 -0.70 -8.76 6.15
N ARG A 137 -1.11 -8.09 5.09
CA ARG A 137 -0.73 -8.43 3.73
C ARG A 137 -0.18 -7.19 3.04
N VAL A 138 0.96 -7.35 2.38
CA VAL A 138 1.58 -6.26 1.61
C VAL A 138 1.67 -6.67 0.15
N THR A 139 1.38 -5.74 -0.76
CA THR A 139 1.39 -6.01 -2.19
C THR A 139 2.11 -4.91 -2.95
N GLY A 140 2.68 -5.32 -4.09
CA GLY A 140 3.35 -4.33 -4.92
C GLY A 140 4.11 -4.92 -6.11
N TRP A 141 4.59 -3.99 -6.93
CA TRP A 141 5.35 -4.36 -8.13
C TRP A 141 6.84 -4.04 -7.95
N GLY A 142 7.28 -3.85 -6.74
CA GLY A 142 8.67 -3.52 -6.44
C GLY A 142 9.61 -4.69 -6.71
N ASN A 143 10.89 -4.42 -6.46
CA ASN A 143 11.93 -5.43 -6.74
C ASN A 143 11.74 -6.71 -5.95
N LEU A 144 12.20 -7.83 -6.50
CA LEU A 144 12.14 -9.12 -5.88
C LEU A 144 13.30 -9.45 -4.94
N LYS A 145 14.36 -8.67 -5.05
CA LYS A 145 15.57 -8.86 -4.26
C LYS A 145 16.19 -7.50 -3.96
N GLU A 146 16.88 -7.38 -2.83
CA GLU A 146 17.49 -6.08 -2.52
C GLU A 146 18.51 -5.69 -3.61
N THR A 147 19.21 -6.69 -4.13
CA THR A 147 20.26 -6.41 -5.11
C THR A 147 20.26 -7.40 -6.27
N GLY A 148 15.05 -9.81 -10.60
CA GLY A 148 15.01 -8.37 -10.45
C GLY A 148 13.59 -7.86 -10.22
N GLN A 149 12.84 -7.66 -11.29
CA GLN A 149 11.47 -7.14 -11.21
C GLN A 149 10.45 -8.21 -11.62
N PRO A 150 9.28 -8.15 -11.01
CA PRO A 150 8.22 -9.13 -11.25
C PRO A 150 7.43 -8.91 -12.52
N SER A 151 6.91 -9.99 -13.08
CA SER A 151 6.00 -9.92 -14.22
C SER A 151 4.62 -9.43 -13.78
N VAL A 152 4.16 -9.87 -12.60
CA VAL A 152 2.85 -9.49 -12.08
C VAL A 152 2.93 -9.12 -10.60
N LEU A 153 1.89 -8.44 -10.14
CA LEU A 153 1.73 -8.02 -8.75
C LEU A 153 2.10 -9.14 -7.78
N GLN A 154 2.92 -8.79 -6.78
CA GLN A 154 3.37 -9.72 -5.76
C GLN A 154 2.64 -9.45 -4.42
N VAL A 155 2.52 -10.50 -3.64
CA VAL A 155 1.82 -10.49 -2.36
C VAL A 155 2.62 -11.22 -1.31
N VAL A 156 2.64 -10.74 -0.09
CA VAL A 156 3.24 -11.45 1.02
C VAL A 156 2.51 -11.14 2.32
N ASN A 157 2.33 -12.11 3.18
CA ASN A 157 1.72 -11.92 4.48
C ASN A 157 2.79 -11.85 5.55
N LEU A 158 2.73 -10.89 6.44
CA LEU A 158 3.77 -10.66 7.45
C LEU A 158 3.17 -10.30 8.79
N PRO A 159 3.72 -10.81 9.89
CA PRO A 159 3.25 -10.49 11.22
C PRO A 159 3.67 -9.13 11.75
N ILE A 160 2.76 -8.47 12.45
CA ILE A 160 3.07 -7.24 13.20
C ILE A 160 4.09 -7.61 14.29
N VAL A 161 5.05 -6.74 14.53
CA VAL A 161 6.11 -6.99 15.52
C VAL A 161 5.93 -6.09 16.73
N GLU A 162 6.31 -6.63 17.89
CA GLU A 162 6.27 -5.90 19.14
C GLU A 162 7.06 -4.58 19.04
N ARG A 163 6.53 -3.52 19.62
CA ARG A 163 7.16 -2.21 19.53
C ARG A 163 8.60 -2.20 20.05
N PRO A 164 8.96 -2.81 21.16
CA PRO A 164 10.33 -2.76 21.61
C PRO A 164 11.26 -3.43 20.63
N VAL A 165 10.82 -4.48 19.95
CA VAL A 165 11.61 -5.20 18.98
C VAL A 165 11.83 -4.34 17.75
N CYS A 166 10.77 -3.63 17.31
CA CYS A 166 10.94 -2.70 16.19
C CYS A 166 12.01 -1.66 16.56
N LYS A 167 11.89 -1.06 17.73
CA LYS A 167 12.80 0.02 18.13
C LYS A 167 14.23 -0.47 18.24
N ASP A 168 14.42 -1.68 18.72
CA ASP A 168 15.76 -2.23 18.92
C ASP A 168 16.41 -2.70 17.64
N SER A 169 15.68 -2.69 16.52
CA SER A 169 16.21 -3.17 15.27
C SER A 169 16.85 -2.05 14.46
N THR A 170 16.71 -0.81 14.92
CA THR A 170 17.09 0.30 14.06
C THR A 170 17.71 1.45 14.83
N ARG A 171 18.44 2.33 14.13
CA ARG A 171 18.90 3.55 14.75
C ARG A 171 17.95 4.73 14.50
N ILE A 172 16.98 4.53 13.61
CA ILE A 172 15.98 5.56 13.31
C ILE A 172 15.10 5.76 14.53
N ARG A 173 14.65 6.99 14.79
CA ARG A 173 13.70 7.26 15.87
C ARG A 173 12.30 6.85 15.40
N ILE A 174 11.72 5.88 16.09
CA ILE A 174 10.39 5.39 15.72
C ILE A 174 9.33 6.17 16.47
N THR A 175 8.21 6.49 15.85
CA THR A 175 7.14 7.24 16.49
C THR A 175 5.84 6.42 16.53
N ASP A 176 4.84 6.94 17.20
CA ASP A 176 3.54 6.30 17.31
C ASP A 176 2.82 6.28 15.97
N ASN A 177 3.29 7.05 15.00
CA ASN A 177 2.69 7.05 13.66
C ASN A 177 3.26 5.97 12.77
N MET A 178 4.07 5.08 13.32
CA MET A 178 4.66 3.98 12.56
C MET A 178 4.39 2.65 13.25
N PHE A 179 4.41 1.56 12.53
CA PHE A 179 4.47 0.23 13.15
C PHE A 179 5.37 -0.64 12.27
N CYS A 180 5.94 -1.73 12.77
CA CYS A 180 6.79 -2.56 11.93
C CYS A 180 6.20 -3.96 11.82
N ALA A 181 6.61 -4.64 10.76
CA ALA A 181 6.13 -5.99 10.46
C ALA A 181 7.23 -6.80 9.79
N GLY A 182 7.18 -8.11 9.93
CA GLY A 182 8.14 -9.02 9.35
C GLY A 182 8.47 -10.14 10.33
N TYR A 183 9.08 -11.18 9.74
CA TYR A 183 9.48 -12.30 10.60
C TYR A 183 10.83 -12.02 11.25
N LYS A 184 10.99 -12.62 12.44
CA LYS A 184 12.28 -12.58 13.15
C LYS A 184 13.13 -13.70 12.58
N PRO A 185 14.44 -13.63 12.72
CA PRO A 185 15.32 -14.67 12.21
C PRO A 185 14.97 -16.05 12.75
N ASP A 186 14.64 -16.16 14.04
CA ASP A 186 14.29 -17.44 14.64
C ASP A 186 12.98 -18.03 14.11
N GLU A 187 12.17 -17.21 13.45
CA GLU A 187 10.89 -17.65 12.89
C GLU A 187 11.04 -18.30 11.54
N GLY A 188 12.22 -18.23 10.92
CA GLY A 188 12.54 -18.89 9.70
C GLY A 188 11.95 -18.35 8.41
N LYS A 189 10.66 -18.00 8.44
CA LYS A 189 10.00 -17.51 7.24
C LYS A 189 10.53 -16.15 6.87
N ARG A 190 10.31 -15.74 5.63
CA ARG A 190 10.87 -14.49 5.14
C ARG A 190 9.82 -13.65 4.41
N GLY A 191 10.26 -12.48 3.95
CA GLY A 191 9.35 -11.61 3.20
C GLY A 191 9.48 -10.16 3.65
N ASP A 192 9.35 -9.26 2.68
CA ASP A 192 9.45 -7.83 2.96
C ASP A 192 9.05 -7.04 1.72
N ALA A 193 8.70 -5.78 1.93
CA ALA A 193 8.60 -4.82 0.85
C ALA A 193 10.01 -4.49 0.35
N CYS A 194 10.08 -3.97 -0.86
CA CYS A 194 11.38 -3.56 -1.41
C CYS A 194 11.18 -2.36 -2.31
N GLU A 195 12.23 -1.92 -3.02
CA GLU A 195 12.16 -0.73 -3.85
C GLU A 195 11.05 -0.80 -4.88
N GLY A 196 10.19 0.22 -4.92
CA GLY A 196 9.05 0.22 -5.83
C GLY A 196 7.75 -0.09 -5.06
N ASP A 197 7.86 -0.68 -3.89
CA ASP A 197 6.64 -1.04 -3.14
C ASP A 197 6.14 0.09 -2.25
N SER A 198 6.96 1.07 -1.91
CA SER A 198 6.53 2.13 -1.03
C SER A 198 5.25 2.78 -1.50
N GLY A 199 4.43 3.20 -0.55
CA GLY A 199 3.16 3.82 -0.83
C GLY A 199 2.02 2.82 -0.93
N GLY A 200 2.33 1.56 -1.12
CA GLY A 200 1.30 0.53 -1.25
C GLY A 200 0.71 0.16 0.12
N PRO A 201 -0.31 -0.67 0.09
CA PRO A 201 -1.08 -0.96 1.30
C PRO A 201 -0.62 -2.17 2.07
N PHE A 202 -0.74 -2.06 3.39
CA PHE A 202 -0.67 -3.15 4.35
C PHE A 202 -2.12 -3.38 4.84
N VAL A 203 -2.71 -4.48 4.43
CA VAL A 203 -4.12 -4.72 4.69
C VAL A 203 -4.33 -5.89 5.62
N MET A 204 -5.48 -5.91 6.31
CA MET A 204 -5.88 -6.98 7.23
C MET A 204 -7.35 -7.27 6.96
N LYS A 205 -7.77 -8.53 7.06
CA LYS A 205 -9.17 -8.86 6.85
C LYS A 205 -9.84 -9.06 8.20
N SER A 206 -10.74 -8.14 8.56
CA SER A 206 -11.39 -8.27 9.87
C SER A 206 -12.13 -9.60 9.99
N PRO A 207 -11.92 -10.31 11.09
CA PRO A 207 -12.64 -11.57 11.31
C PRO A 207 -14.04 -11.31 11.82
N PHE A 208 -14.37 -10.08 12.16
CA PHE A 208 -15.68 -9.70 12.68
C PHE A 208 -16.65 -9.39 11.57
N ASN A 209 -16.24 -8.63 10.55
CA ASN A 209 -17.13 -8.24 9.47
C ASN A 209 -16.67 -8.70 8.09
N ASN A 210 -15.56 -9.42 8.00
CA ASN A 210 -15.05 -9.99 6.78
C ASN A 210 -14.78 -9.01 5.66
N ARG A 211 -14.33 -7.82 6.06
CA ARG A 211 -13.91 -6.77 5.15
C ARG A 211 -12.42 -6.49 5.32
N TRP A 212 -11.82 -6.13 4.19
CA TRP A 212 -10.41 -5.70 4.19
C TRP A 212 -10.26 -4.23 4.59
N TYR A 213 -9.32 -4.01 5.51
CA TYR A 213 -8.97 -2.72 6.02
C TYR A 213 -7.50 -2.40 5.76
N GLN A 214 -7.23 -1.18 5.33
CA GLN A 214 -5.84 -0.74 5.14
C GLN A 214 -5.29 -0.17 6.45
N MET A 215 -4.49 -0.96 7.15
CA MET A 215 -3.92 -0.52 8.42
C MET A 215 -2.62 0.26 8.26
N GLY A 216 -1.87 -0.02 7.19
CA GLY A 216 -0.58 0.64 7.03
C GLY A 216 -0.35 1.05 5.60
N ILE A 217 0.68 1.89 5.42
CA ILE A 217 1.24 2.26 4.12
C ILE A 217 2.72 1.89 4.14
N VAL A 218 3.21 1.19 3.13
CA VAL A 218 4.65 0.88 3.05
C VAL A 218 5.45 2.17 3.09
N SER A 219 6.27 2.36 4.13
CA SER A 219 7.00 3.60 4.32
C SER A 219 8.51 3.50 4.19
N TRP A 220 9.17 2.61 4.90
CA TRP A 220 10.63 2.53 4.80
C TRP A 220 11.16 1.24 5.38
N GLY A 221 12.39 0.92 4.97
CA GLY A 221 13.07 -0.26 5.48
C GLY A 221 14.59 -0.08 5.29
N GLU A 222 15.37 -0.78 6.10
CA GLU A 222 16.83 -0.76 5.96
C GLU A 222 17.21 -1.96 5.10
N GLY A 223 17.26 -1.77 3.79
CA GLY A 223 17.46 -2.91 2.89
C GLY A 223 16.12 -3.64 2.74
N CYS A 224 16.15 -4.79 2.12
CA CYS A 224 14.96 -5.60 1.90
C CYS A 224 15.19 -7.01 2.40
N ASP A 225 14.33 -7.50 3.26
CA ASP A 225 14.34 -8.84 3.81
C ASP A 225 15.67 -9.19 4.46
N ARG A 226 16.26 -8.24 5.17
CA ARG A 226 17.48 -8.57 5.92
C ARG A 226 17.10 -9.17 7.26
N ASP A 227 17.90 -10.13 7.73
CA ASP A 227 17.70 -10.73 9.03
C ASP A 227 17.86 -9.68 10.13
N GLY A 228 16.94 -9.59 11.04
CA GLY A 228 16.97 -8.69 12.16
C GLY A 228 16.47 -7.29 11.86
N LYS A 229 16.05 -7.08 10.61
CA LYS A 229 15.46 -5.80 10.22
C LYS A 229 13.98 -6.02 9.95
N TYR A 230 13.19 -4.95 9.98
CA TYR A 230 11.76 -5.07 9.73
C TYR A 230 11.34 -3.93 8.82
N GLY A 231 10.24 -4.11 8.11
CA GLY A 231 9.67 -3.03 7.32
C GLY A 231 8.81 -2.18 8.23
N PHE A 232 8.80 -0.89 7.97
CA PHE A 232 8.05 0.12 8.68
C PHE A 232 6.92 0.67 7.80
N TYR A 233 5.80 0.87 8.48
CA TYR A 233 4.55 1.26 7.82
C TYR A 233 3.95 2.46 8.52
N THR A 234 3.35 3.37 7.76
CA THR A 234 2.58 4.45 8.34
C THR A 234 1.34 3.88 9.00
N HIS A 235 1.03 4.35 10.20
CA HIS A 235 -0.15 3.88 10.94
C HIS A 235 -1.36 4.68 10.50
N VAL A 236 -2.15 4.08 9.60
CA VAL A 236 -3.26 4.78 8.96
C VAL A 236 -4.29 5.29 9.96
N PHE A 237 -4.67 4.47 10.94
CA PHE A 237 -5.67 4.96 11.89
C PHE A 237 -5.20 6.21 12.62
N ARG A 238 -3.96 6.30 13.01
CA ARG A 238 -3.45 7.45 13.77
C ARG A 238 -3.50 8.72 12.94
N LEU A 239 -3.53 8.65 11.63
CA LEU A 239 -3.58 9.82 10.76
C LEU A 239 -4.93 9.99 10.09
N LYS A 240 -5.93 9.22 10.55
CA LYS A 240 -7.23 9.29 9.89
C LYS A 240 -7.96 10.62 10.09
N LYS A 241 -7.70 11.30 11.21
CA LYS A 241 -8.33 12.61 11.39
C LYS A 241 -7.92 13.55 10.26
N TRP A 242 -6.65 13.48 9.86
CA TRP A 242 -6.14 14.28 8.76
C TRP A 242 -6.77 13.89 7.43
N ILE A 243 -6.85 12.57 7.18
CA ILE A 243 -7.48 12.05 5.97
C ILE A 243 -8.92 12.58 5.82
N GLN A 244 -9.66 12.46 6.91
CA GLN A 244 -11.07 12.89 6.91
C GLN A 244 -11.17 14.39 6.66
N LYS A 245 -10.34 15.18 7.30
CA LYS A 245 -10.31 16.63 7.16
C LYS A 245 -10.10 17.04 5.72
N VAL A 246 -9.17 16.39 5.02
CA VAL A 246 -8.87 16.69 3.62
C VAL A 246 -10.03 16.32 2.73
N ILE A 247 -10.57 15.11 2.91
CA ILE A 247 -11.69 14.68 2.06
C ILE A 247 -12.94 15.50 2.36
N ASP A 248 -13.21 15.80 3.62
CA ASP A 248 -14.38 16.61 3.98
C ASP A 248 -14.28 18.01 3.39
N GLN A 249 -13.11 18.63 3.43
CA GLN A 249 -12.94 19.98 2.92
C GLN A 249 -12.85 20.05 1.41
N PHE A 250 -12.18 19.11 0.76
CA PHE A 250 -11.96 19.17 -0.68
C PHE A 250 -12.80 18.19 -1.48
N GLY A 251 -13.64 17.40 -0.83
CA GLY A 251 -14.52 16.47 -1.52
C GLY A 251 -13.76 15.24 -2.03
N ASP B 1 10.96 -0.75 -20.95
CA ASP B 1 10.40 -1.98 -20.34
C ASP B 1 8.87 -1.91 -20.23
N PHE B 2 8.33 -0.71 -20.12
CA PHE B 2 6.88 -0.57 -20.03
C PHE B 2 6.24 -0.44 -21.41
N GLU B 3 5.16 -1.19 -21.61
CA GLU B 3 4.42 -1.09 -22.86
C GLU B 3 3.82 0.31 -22.99
N GLU B 4 3.85 0.82 -24.21
CA GLU B 4 3.25 2.10 -24.55
C GLU B 4 1.79 2.15 -24.12
N ILE B 5 1.33 3.27 -23.58
CA ILE B 5 -0.06 3.44 -23.19
C ILE B 5 -0.75 4.40 -24.15
N PRO B 6 -2.07 4.27 -24.30
CA PRO B 6 -2.82 5.10 -25.23
C PRO B 6 -2.48 6.57 -25.07
N GLU B 7 -2.27 7.23 -26.19
CA GLU B 7 -1.86 8.63 -26.23
C GLU B 7 -2.80 9.55 -25.46
N GLU B 8 -4.09 9.20 -25.41
CA GLU B 8 -5.06 10.02 -24.72
C GLU B 8 -4.67 10.33 -23.28
N LEU B 10 -1.62 10.74 -22.07
CA LEU B 10 -0.41 11.55 -21.92
C LEU B 10 -0.59 12.95 -22.47
N GLU C 1 -17.10 3.97 1.40
CA GLU C 1 -18.16 3.28 0.60
C GLU C 1 -18.79 2.16 1.42
N ALA C 2 -20.10 1.98 1.26
CA ALA C 2 -20.81 0.94 2.00
C ALA C 2 -20.24 -0.44 1.66
N ASP C 3 -19.71 -0.62 0.46
CA ASP C 3 -19.18 -1.93 0.08
C ASP C 3 -17.65 -1.97 0.07
CA CYS C 4 -16.08 -0.31 0.02
C CYS C 4 -15.06 -2.37 1.40
N GLY C 5 -13.92 -2.81 0.86
CA GLY C 5 -13.23 -3.96 1.39
C GLY C 5 -13.83 -5.33 1.12
N LEU C 6 -14.84 -5.34 0.25
CA LEU C 6 -15.43 -6.61 -0.18
C LEU C 6 -15.10 -6.80 -1.65
N ARG C 7 -14.23 -7.76 -1.95
CA ARG C 7 -13.73 -7.90 -3.32
C ARG C 7 -14.74 -8.58 -4.23
N PRO C 8 -14.99 -8.04 -5.42
CA PRO C 8 -15.92 -8.66 -6.38
C PRO C 8 -15.60 -10.10 -6.68
N LEU C 9 -14.35 -10.49 -6.78
CA LEU C 9 -13.97 -11.84 -7.17
C LEU C 9 -13.76 -12.77 -5.98
N PHE C 10 -13.92 -12.25 -4.76
CA PHE C 10 -13.72 -13.09 -3.57
C PHE C 10 -14.88 -12.96 -2.60
N GLU C 11 -14.91 -11.99 -1.72
CA GLU C 11 -15.98 -11.88 -0.75
C GLU C 11 -17.34 -11.78 -1.42
N LYS C 12 -17.51 -11.00 -2.48
CA LYS C 12 -18.82 -10.81 -3.09
C LYS C 12 -19.40 -12.12 -3.60
N LYS C 13 -18.57 -13.07 -3.99
CA LYS C 13 -19.10 -14.33 -4.53
C LYS C 13 -18.73 -15.50 -3.61
N SER C 14 -18.39 -15.24 -2.34
CA SER C 14 -18.03 -16.23 -1.36
C SER C 14 -16.94 -17.19 -1.80
N LEU C 15 -15.87 -16.60 -2.38
CA LEU C 15 -14.69 -17.37 -2.72
C LEU C 15 -13.51 -16.86 -1.85
N GLU C 16 -12.65 -17.76 -1.42
CA GLU C 16 -11.50 -17.33 -0.62
C GLU C 16 -10.22 -17.39 -1.44
N ASP C 17 -9.31 -16.42 -1.20
CA ASP C 17 -8.02 -16.46 -1.89
C ASP C 17 -7.12 -17.49 -1.22
N LYS C 18 -5.97 -17.79 -1.82
CA LYS C 18 -5.12 -18.88 -1.39
C LYS C 18 -4.40 -18.68 -0.07
N THR C 19 -4.29 -17.46 0.45
CA THR C 19 -3.56 -17.29 1.71
C THR C 19 -4.32 -16.50 2.76
N GLU C 20 -5.56 -16.09 2.52
CA GLU C 20 -6.28 -15.32 3.53
C GLU C 20 -6.45 -16.09 4.84
N ARG C 21 -6.52 -17.43 4.75
CA ARG C 21 -6.64 -18.23 5.96
C ARG C 21 -5.44 -18.06 6.90
N GLU C 22 -4.25 -17.83 6.35
CA GLU C 22 -3.06 -17.57 7.14
C GLU C 22 -3.26 -16.34 8.03
N LEU C 23 -3.95 -15.33 7.47
CA LEU C 23 -4.24 -14.13 8.28
C LEU C 23 -5.23 -14.48 9.39
N LEU C 24 -6.34 -15.15 9.02
CA LEU C 24 -7.34 -15.50 10.02
C LEU C 24 -6.75 -16.32 11.16
N GLU C 25 -5.89 -17.27 10.81
CA GLU C 25 -5.29 -18.11 11.86
C GLU C 25 -4.39 -17.33 12.80
N SER C 26 -3.87 -16.17 12.40
CA SER C 26 -3.03 -15.36 13.27
C SER C 26 -3.86 -14.49 14.20
N TYR C 27 -5.16 -14.35 13.96
CA TYR C 27 -6.00 -13.44 14.75
C TYR C 27 -6.64 -14.17 15.92
N ILE C 28 -5.89 -14.21 17.03
CA ILE C 28 -6.33 -14.94 18.21
C ILE C 28 -7.07 -14.04 19.20
#